data_9D87
#
_entry.id   9D87
#
_cell.length_a   105.698
_cell.length_b   105.698
_cell.length_c   105.698
_cell.angle_alpha   90.00
_cell.angle_beta   90.00
_cell.angle_gamma   90.00
#
_symmetry.space_group_name_H-M   'P 2 3'
#
loop_
_entity.id
_entity.type
_entity.pdbx_description
1 polymer 'Uncharacterized hydrolase SAUSA300_2518'
2 water water
#
_entity_poly.entity_id   1
_entity_poly.type   'polypeptide(L)'
_entity_poly.pdbx_seq_one_letter_code
;GPGMETLELQGAKLRYHQVGQGPVLIFIPGANGTGDIFLPLAEQLKDHFTVVAVDRRDYGESELTEPLPDSASNPDSDYR
VKRDAQDIAELAKSLSDEPVYILGSSSGSIVAMHVLKDYPEVVKKIAFHEPPINTFLPDSTYWKDKNDDIVHQILTEGLE
KGMKTFGETLNIAPIDAKMMSQPADTEEGRIEQYKRTMFWLEFEIRQYTHSNITLDDFTKYSDKITLLNGTDSRGSFPQD
VNFYINKETGIPIVDIPGGHLGYIQKPEGFADVLLNMWG
;
_entity_poly.pdbx_strand_id   A
#
# COMPACT_ATOMS: atom_id res chain seq x y z
N GLY A 3 -10.60 -25.71 7.47
CA GLY A 3 -10.93 -24.37 7.93
C GLY A 3 -9.85 -23.75 8.80
N MET A 4 -9.97 -22.46 9.08
CA MET A 4 -8.96 -21.73 9.84
C MET A 4 -9.51 -21.34 11.22
N GLU A 5 -8.68 -21.49 12.27
CA GLU A 5 -9.17 -21.29 13.63
C GLU A 5 -9.22 -19.81 13.99
N THR A 6 -10.05 -19.49 14.99
CA THR A 6 -10.36 -18.11 15.37
C THR A 6 -10.30 -17.97 16.89
N LEU A 7 -9.57 -16.98 17.37
CA LEU A 7 -9.62 -16.56 18.77
C LEU A 7 -10.05 -15.11 18.81
N GLU A 8 -11.20 -14.84 19.41
CA GLU A 8 -11.69 -13.46 19.50
C GLU A 8 -11.07 -12.75 20.68
N LEU A 9 -10.28 -11.70 20.42
CA LEU A 9 -9.61 -10.90 21.42
C LEU A 9 -9.99 -9.44 21.26
N GLN A 10 -9.55 -8.62 22.22
CA GLN A 10 -9.77 -7.16 22.20
C GLN A 10 -9.29 -6.52 20.90
N GLY A 11 -10.23 -5.97 20.14
CA GLY A 11 -9.90 -5.24 18.94
C GLY A 11 -9.62 -6.06 17.68
N ALA A 12 -9.66 -7.39 17.76
CA ALA A 12 -9.40 -8.16 16.54
C ALA A 12 -9.89 -9.60 16.66
N LYS A 13 -10.24 -10.17 15.50
CA LYS A 13 -10.49 -11.60 15.35
C LYS A 13 -9.20 -12.25 14.83
N LEU A 14 -8.53 -13.01 15.69
CA LEU A 14 -7.22 -13.57 15.40
C LEU A 14 -7.36 -14.96 14.79
N ARG A 15 -6.89 -15.11 13.55
CA ARG A 15 -7.03 -16.36 12.82
C ARG A 15 -5.70 -17.11 12.80
N TYR A 16 -5.77 -18.41 13.00
CA TYR A 16 -4.55 -19.21 12.98
C TYR A 16 -4.83 -20.56 12.35
N HIS A 17 -3.76 -21.18 11.86
CA HIS A 17 -3.73 -22.59 11.51
C HIS A 17 -3.29 -23.40 12.72
N GLN A 18 -3.81 -24.63 12.82
CA GLN A 18 -3.43 -25.53 13.90
C GLN A 18 -3.43 -26.95 13.36
N VAL A 19 -2.34 -27.67 13.61
CA VAL A 19 -2.18 -29.05 13.14
C VAL A 19 -1.19 -29.74 14.07
N GLY A 20 -1.44 -31.02 14.36
CA GLY A 20 -0.50 -31.86 15.07
C GLY A 20 -0.99 -32.29 16.45
N GLN A 21 -0.09 -32.96 17.16
CA GLN A 21 -0.34 -33.53 18.49
C GLN A 21 0.88 -33.26 19.36
N GLY A 22 0.65 -32.97 20.65
CA GLY A 22 1.75 -32.81 21.57
C GLY A 22 1.80 -31.41 22.18
N PRO A 23 2.98 -31.01 22.64
CA PRO A 23 3.13 -29.64 23.16
C PRO A 23 2.95 -28.60 22.08
N VAL A 24 2.53 -27.42 22.48
CA VAL A 24 2.20 -26.37 21.53
C VAL A 24 3.47 -25.69 21.04
N LEU A 25 3.56 -25.52 19.74
CA LEU A 25 4.62 -24.79 19.05
C LEU A 25 3.96 -23.65 18.28
N ILE A 26 4.20 -22.41 18.67
CA ILE A 26 3.66 -21.25 17.98
C ILE A 26 4.74 -20.64 17.09
N PHE A 27 4.40 -20.42 15.81
CA PHE A 27 5.25 -19.72 14.84
C PHE A 27 4.69 -18.33 14.55
N ILE A 28 5.53 -17.30 14.64
CA ILE A 28 5.12 -15.91 14.46
C ILE A 28 5.74 -15.40 13.16
N PRO A 29 4.95 -15.08 12.14
CA PRO A 29 5.53 -14.71 10.84
C PRO A 29 6.19 -13.34 10.86
N GLY A 30 7.15 -13.16 9.94
CA GLY A 30 7.86 -11.91 9.75
C GLY A 30 7.11 -10.93 8.87
N ALA A 31 7.80 -10.27 7.94
CA ALA A 31 7.19 -9.14 7.22
C ALA A 31 6.02 -9.55 6.33
N ASN A 32 5.93 -10.81 5.92
CA ASN A 32 4.77 -11.26 5.15
C ASN A 32 3.52 -11.33 6.01
N GLY A 33 3.67 -11.64 7.30
CA GLY A 33 2.62 -11.47 8.29
C GLY A 33 1.57 -12.57 8.40
N THR A 34 1.65 -13.60 7.57
CA THR A 34 0.63 -14.65 7.53
C THR A 34 1.26 -15.98 7.90
N GLY A 35 0.52 -16.80 8.67
CA GLY A 35 1.05 -18.06 9.16
C GLY A 35 1.18 -19.17 8.13
N ASP A 36 0.67 -18.96 6.91
CA ASP A 36 0.75 -19.99 5.88
C ASP A 36 2.19 -20.29 5.49
N ILE A 37 3.11 -19.34 5.67
CA ILE A 37 4.50 -19.58 5.28
C ILE A 37 5.11 -20.70 6.11
N PHE A 38 4.49 -21.08 7.21
CA PHE A 38 5.04 -22.11 8.07
C PHE A 38 4.41 -23.49 7.84
N LEU A 39 3.51 -23.64 6.88
CA LEU A 39 2.82 -24.92 6.79
C LEU A 39 3.74 -26.06 6.33
N PRO A 40 4.61 -25.88 5.33
CA PRO A 40 5.54 -26.97 5.01
C PRO A 40 6.44 -27.33 6.19
N LEU A 41 6.73 -26.37 7.07
CA LEU A 41 7.45 -26.68 8.30
C LEU A 41 6.58 -27.45 9.29
N ALA A 42 5.31 -27.02 9.44
CA ALA A 42 4.40 -27.70 10.34
C ALA A 42 4.21 -29.16 9.96
N GLU A 43 4.19 -29.44 8.66
CA GLU A 43 3.95 -30.80 8.22
C GLU A 43 5.01 -31.74 8.77
N GLN A 44 6.24 -31.25 8.94
CA GLN A 44 7.31 -32.13 9.42
C GLN A 44 7.20 -32.36 10.91
N LEU A 45 6.75 -31.35 11.67
CA LEU A 45 6.69 -31.39 13.13
C LEU A 45 5.36 -31.88 13.67
N LYS A 46 4.37 -32.08 12.80
CA LYS A 46 3.00 -32.41 13.19
C LYS A 46 2.91 -33.61 14.13
N ASP A 47 3.87 -34.54 14.07
CA ASP A 47 3.79 -35.72 14.92
C ASP A 47 4.34 -35.49 16.32
N HIS A 48 4.98 -34.34 16.56
CA HIS A 48 5.68 -34.12 17.81
C HIS A 48 5.20 -32.90 18.59
N PHE A 49 4.51 -31.96 17.93
CA PHE A 49 3.94 -30.77 18.56
C PHE A 49 2.55 -30.48 18.00
N THR A 50 1.73 -29.81 18.80
CA THR A 50 0.56 -29.13 18.27
C THR A 50 1.06 -27.81 17.68
N VAL A 51 1.15 -27.74 16.36
CA VAL A 51 1.74 -26.59 15.68
C VAL A 51 0.66 -25.54 15.43
N VAL A 52 0.98 -24.30 15.80
CA VAL A 52 0.08 -23.15 15.66
C VAL A 52 0.82 -22.10 14.83
N ALA A 53 0.22 -21.71 13.69
CA ALA A 53 0.85 -20.73 12.80
C ALA A 53 -0.13 -19.58 12.60
N VAL A 54 0.19 -18.44 13.18
CA VAL A 54 -0.78 -17.37 13.38
C VAL A 54 -0.73 -16.37 12.23
N ASP A 55 -1.91 -15.91 11.79
CA ASP A 55 -2.06 -14.67 11.02
C ASP A 55 -2.04 -13.51 11.99
N ARG A 56 -0.93 -12.76 12.08
CA ARG A 56 -0.92 -11.61 12.99
C ARG A 56 -2.04 -10.65 12.63
N ARG A 57 -2.51 -9.91 13.65
CA ARG A 57 -3.87 -9.41 13.63
C ARG A 57 -4.15 -8.45 12.47
N ASP A 58 -3.11 -7.86 11.86
CA ASP A 58 -3.30 -6.91 10.78
C ASP A 58 -3.17 -7.52 9.38
N TYR A 59 -3.07 -8.85 9.28
CA TYR A 59 -2.76 -9.49 8.01
C TYR A 59 -3.66 -10.70 7.76
N GLY A 60 -3.81 -11.04 6.49
CA GLY A 60 -4.39 -12.34 6.12
C GLY A 60 -5.83 -12.48 6.55
N GLU A 61 -6.16 -13.64 7.13
CA GLU A 61 -7.51 -13.94 7.60
C GLU A 61 -7.86 -13.22 8.91
N SER A 62 -6.89 -12.67 9.62
CA SER A 62 -7.23 -11.87 10.79
C SER A 62 -7.91 -10.57 10.35
N GLU A 63 -8.83 -10.08 11.20
CA GLU A 63 -9.50 -8.82 10.91
C GLU A 63 -9.59 -7.98 12.17
N LEU A 64 -9.28 -6.69 12.02
CA LEU A 64 -9.48 -5.71 13.07
C LEU A 64 -10.98 -5.45 13.27
N THR A 65 -11.44 -5.53 14.52
CA THR A 65 -12.78 -5.08 14.88
C THR A 65 -12.79 -3.63 15.38
N GLU A 66 -11.64 -2.98 15.45
CA GLU A 66 -11.47 -1.60 15.89
C GLU A 66 -10.34 -1.01 15.06
N PRO A 67 -10.41 0.28 14.72
CA PRO A 67 -9.33 0.88 13.94
C PRO A 67 -8.04 1.01 14.76
N LEU A 68 -6.91 0.80 14.09
CA LEU A 68 -5.60 1.11 14.66
C LEU A 68 -5.62 2.49 15.30
N PRO A 69 -5.03 2.65 16.49
CA PRO A 69 -4.91 3.99 17.07
C PRO A 69 -4.16 4.93 16.13
N ASP A 70 -4.60 6.18 16.07
CA ASP A 70 -4.06 7.10 15.08
C ASP A 70 -2.55 7.24 15.17
N SER A 71 -1.99 7.19 16.38
CA SER A 71 -0.55 7.33 16.49
C SER A 71 0.19 6.07 16.05
N ALA A 72 -0.47 5.08 15.45
CA ALA A 72 0.28 3.90 15.02
C ALA A 72 1.22 4.23 13.87
N SER A 73 0.88 5.25 13.07
CA SER A 73 1.70 5.65 11.93
C SER A 73 2.97 6.37 12.35
N ASN A 74 3.08 6.78 13.61
CA ASN A 74 4.29 7.44 14.07
C ASN A 74 5.43 6.43 14.12
N PRO A 75 6.55 6.72 13.48
CA PRO A 75 7.63 5.71 13.39
C PRO A 75 8.06 5.18 14.74
N ASP A 76 7.76 5.89 15.83
CA ASP A 76 8.21 5.55 17.17
C ASP A 76 7.20 4.74 17.94
N SER A 77 5.99 4.58 17.43
CA SER A 77 4.94 3.90 18.18
C SER A 77 5.34 2.46 18.45
N ASP A 78 4.92 1.97 19.61
CA ASP A 78 5.12 0.58 19.96
C ASP A 78 3.79 -0.17 20.13
N TYR A 79 2.66 0.47 19.80
CA TYR A 79 1.35 -0.17 19.97
C TYR A 79 1.28 -1.53 19.29
N ARG A 80 1.60 -1.58 18.00
CA ARG A 80 1.38 -2.82 17.23
C ARG A 80 2.25 -3.96 17.75
N VAL A 81 3.51 -3.68 18.08
CA VAL A 81 4.38 -4.77 18.51
C VAL A 81 3.96 -5.29 19.88
N LYS A 82 3.47 -4.42 20.78
CA LYS A 82 2.98 -4.97 22.06
C LYS A 82 1.65 -5.68 21.86
N ARG A 83 0.80 -5.13 20.98
CA ARG A 83 -0.47 -5.78 20.68
C ARG A 83 -0.26 -7.18 20.10
N ASP A 84 0.70 -7.33 19.18
CA ASP A 84 0.97 -8.65 18.60
C ASP A 84 1.49 -9.63 19.66
N ALA A 85 2.32 -9.15 20.59
CA ALA A 85 2.84 -10.03 21.64
C ALA A 85 1.73 -10.49 22.58
N GLN A 86 0.84 -9.57 22.98
CA GLN A 86 -0.30 -9.98 23.81
C GLN A 86 -1.18 -10.98 23.07
N ASP A 87 -1.37 -10.80 21.76
CA ASP A 87 -2.07 -11.81 20.95
C ASP A 87 -1.44 -13.18 21.16
N ILE A 88 -0.12 -13.26 21.09
CA ILE A 88 0.54 -14.56 21.21
C ILE A 88 0.38 -15.12 22.62
N ALA A 89 0.54 -14.27 23.65
CA ALA A 89 0.37 -14.75 25.02
C ALA A 89 -1.05 -15.25 25.25
N GLU A 90 -2.05 -14.47 24.81
CA GLU A 90 -3.45 -14.90 24.90
C GLU A 90 -3.69 -16.17 24.10
N LEU A 91 -3.01 -16.32 22.97
CA LEU A 91 -3.19 -17.52 22.17
C LEU A 91 -2.60 -18.74 22.87
N ALA A 92 -1.43 -18.57 23.50
CA ALA A 92 -0.82 -19.68 24.23
C ALA A 92 -1.71 -20.11 25.38
N LYS A 93 -2.28 -19.15 26.11
CA LYS A 93 -3.13 -19.43 27.26
C LYS A 93 -4.41 -20.16 26.85
N SER A 94 -4.95 -19.84 25.67
CA SER A 94 -6.15 -20.50 25.18
C SER A 94 -5.90 -21.96 24.82
N LEU A 95 -4.67 -22.36 24.54
CA LEU A 95 -4.44 -23.71 24.04
C LEU A 95 -3.76 -24.63 25.03
N SER A 96 -3.04 -24.11 26.02
CA SER A 96 -2.16 -24.92 26.85
C SER A 96 -2.16 -24.43 28.29
N ASP A 97 -2.20 -25.38 29.23
CA ASP A 97 -2.09 -25.07 30.66
C ASP A 97 -0.65 -24.91 31.10
N GLU A 98 0.30 -25.50 30.39
CA GLU A 98 1.71 -25.31 30.63
C GLU A 98 2.28 -24.30 29.64
N PRO A 99 3.46 -23.73 29.93
CA PRO A 99 4.11 -22.86 28.94
C PRO A 99 4.38 -23.62 27.64
N VAL A 100 4.51 -22.85 26.54
CA VAL A 100 4.55 -23.41 25.21
C VAL A 100 5.88 -23.06 24.53
N TYR A 101 6.12 -23.69 23.38
CA TYR A 101 7.27 -23.37 22.54
C TYR A 101 6.90 -22.25 21.58
N ILE A 102 7.83 -21.32 21.37
CA ILE A 102 7.55 -20.18 20.49
C ILE A 102 8.76 -19.95 19.60
N LEU A 103 8.53 -19.76 18.30
CA LEU A 103 9.58 -19.38 17.36
C LEU A 103 9.07 -18.22 16.55
N GLY A 104 9.88 -17.17 16.49
CA GLY A 104 9.59 -16.02 15.64
C GLY A 104 10.72 -15.83 14.63
N SER A 105 10.37 -15.29 13.47
CA SER A 105 11.35 -14.96 12.45
C SER A 105 11.22 -13.50 12.04
N SER A 106 12.38 -12.83 11.91
CA SER A 106 12.47 -11.48 11.35
C SER A 106 11.61 -10.57 12.23
N SER A 107 10.58 -9.92 11.71
CA SER A 107 9.79 -9.07 12.61
C SER A 107 8.97 -9.92 13.60
N GLY A 108 8.67 -11.16 13.25
CA GLY A 108 8.02 -12.05 14.20
C GLY A 108 8.89 -12.43 15.38
N SER A 109 10.22 -12.50 15.19
CA SER A 109 11.08 -12.73 16.33
C SER A 109 11.15 -11.51 17.22
N ILE A 110 10.93 -10.32 16.65
CA ILE A 110 10.84 -9.11 17.46
C ILE A 110 9.57 -9.14 18.31
N VAL A 111 8.46 -9.63 17.72
CA VAL A 111 7.28 -9.90 18.53
C VAL A 111 7.62 -10.91 19.62
N ALA A 112 8.39 -11.95 19.27
CA ALA A 112 8.76 -12.95 20.26
C ALA A 112 9.57 -12.35 21.40
N MET A 113 10.49 -11.44 21.09
CA MET A 113 11.21 -10.73 22.14
C MET A 113 10.27 -10.03 23.11
N HIS A 114 9.20 -9.39 22.59
CA HIS A 114 8.28 -8.70 23.49
C HIS A 114 7.41 -9.66 24.29
N VAL A 115 7.17 -10.87 23.77
CA VAL A 115 6.42 -11.90 24.51
C VAL A 115 7.20 -12.33 25.74
N LEU A 116 8.45 -12.74 25.54
CA LEU A 116 9.30 -13.11 26.66
C LEU A 116 9.35 -11.99 27.69
N LYS A 117 9.53 -10.75 27.24
CA LYS A 117 9.70 -9.63 28.17
C LYS A 117 8.46 -9.41 29.01
N ASP A 118 7.28 -9.51 28.41
CA ASP A 118 6.05 -9.09 29.05
C ASP A 118 5.16 -10.23 29.53
N TYR A 119 5.19 -11.40 28.87
CA TYR A 119 4.42 -12.57 29.28
C TYR A 119 5.33 -13.80 29.37
N PRO A 120 6.40 -13.74 30.15
CA PRO A 120 7.32 -14.89 30.24
C PRO A 120 6.64 -16.13 30.79
N GLU A 121 5.54 -15.96 31.53
CA GLU A 121 4.85 -17.11 32.10
C GLU A 121 4.38 -18.08 31.02
N VAL A 122 4.14 -17.60 29.80
CA VAL A 122 3.70 -18.51 28.73
C VAL A 122 4.88 -19.13 28.00
N VAL A 123 6.09 -18.68 28.25
CA VAL A 123 7.25 -19.09 27.46
C VAL A 123 7.92 -20.27 28.15
N LYS A 124 7.85 -21.45 27.53
CA LYS A 124 8.67 -22.57 27.98
C LYS A 124 10.07 -22.50 27.35
N LYS A 125 10.13 -22.46 26.02
CA LYS A 125 11.35 -22.20 25.27
C LYS A 125 11.01 -21.34 24.07
N ILE A 126 11.98 -20.56 23.61
CA ILE A 126 11.71 -19.55 22.58
C ILE A 126 12.95 -19.42 21.68
N ALA A 127 12.70 -19.18 20.39
CA ALA A 127 13.75 -19.06 19.39
C ALA A 127 13.57 -17.76 18.61
N PHE A 128 14.67 -17.01 18.42
CA PHE A 128 14.67 -15.77 17.64
C PHE A 128 15.43 -16.05 16.36
N HIS A 129 14.73 -16.09 15.23
CA HIS A 129 15.35 -16.44 13.97
C HIS A 129 15.65 -15.15 13.21
N GLU A 130 16.94 -14.79 13.14
CA GLU A 130 17.45 -13.69 12.32
C GLU A 130 16.62 -12.43 12.52
N PRO A 131 16.71 -11.80 13.69
CA PRO A 131 15.92 -10.58 13.99
C PRO A 131 16.60 -9.34 13.43
N PRO A 132 15.83 -8.40 12.86
CA PRO A 132 16.46 -7.16 12.35
C PRO A 132 16.32 -5.95 13.28
N ILE A 133 16.23 -6.18 14.59
CA ILE A 133 16.08 -5.08 15.53
C ILE A 133 17.44 -4.46 15.81
N ASN A 134 17.51 -3.14 15.86
CA ASN A 134 18.79 -2.46 15.96
C ASN A 134 18.98 -1.65 17.24
N THR A 135 17.98 -1.62 18.13
CA THR A 135 17.92 -0.57 19.14
C THR A 135 19.10 -0.61 20.09
N PHE A 136 19.54 -1.80 20.48
CA PHE A 136 20.59 -2.01 21.47
C PHE A 136 21.98 -2.09 20.82
N LEU A 137 22.08 -1.91 19.53
CA LEU A 137 23.42 -2.05 19.01
C LEU A 137 24.23 -0.79 19.26
N PRO A 138 25.53 -0.92 19.47
CA PRO A 138 26.38 0.27 19.61
C PRO A 138 26.28 1.23 18.44
N ASP A 139 25.97 0.74 17.22
CA ASP A 139 25.74 1.61 16.08
C ASP A 139 24.26 1.70 15.70
N SER A 140 23.36 1.59 16.68
CA SER A 140 21.92 1.68 16.42
C SER A 140 21.57 2.83 15.50
N THR A 141 21.92 4.05 15.92
CA THR A 141 21.61 5.24 15.14
C THR A 141 21.92 5.06 13.65
N TYR A 142 23.05 4.42 13.33
CA TYR A 142 23.41 4.23 11.92
C TYR A 142 22.35 3.45 11.18
N TRP A 143 21.81 2.40 11.80
CA TRP A 143 20.83 1.55 11.12
C TRP A 143 19.41 2.11 11.20
N LYS A 144 19.04 2.66 12.35
CA LYS A 144 17.73 3.31 12.46
C LYS A 144 17.61 4.42 11.41
N ASP A 145 18.67 5.20 11.21
CA ASP A 145 18.61 6.27 10.23
C ASP A 145 18.59 5.72 8.81
N LYS A 146 19.36 4.66 8.56
CA LYS A 146 19.25 3.96 7.28
C LYS A 146 17.82 3.52 7.05
N ASN A 147 17.16 2.99 8.11
CA ASN A 147 15.81 2.47 7.96
C ASN A 147 14.82 3.59 7.61
N ASP A 148 14.87 4.72 8.32
CA ASP A 148 13.94 5.81 8.03
C ASP A 148 14.14 6.32 6.61
N ASP A 149 15.39 6.29 6.13
CA ASP A 149 15.71 6.82 4.80
C ASP A 149 15.02 6.03 3.70
N ILE A 150 15.08 4.68 3.76
CA ILE A 150 14.51 3.92 2.65
C ILE A 150 12.99 4.01 2.67
N VAL A 151 12.38 4.04 3.87
CA VAL A 151 10.93 4.24 3.93
C VAL A 151 10.53 5.54 3.26
N HIS A 152 11.17 6.65 3.65
CA HIS A 152 10.78 7.94 3.07
C HIS A 152 11.08 7.97 1.57
N GLN A 153 12.23 7.42 1.15
CA GLN A 153 12.47 7.17 -0.27
C GLN A 153 11.29 6.48 -0.94
N ILE A 154 10.96 5.25 -0.51
CA ILE A 154 10.02 4.42 -1.26
C ILE A 154 8.68 5.13 -1.44
N LEU A 155 8.20 5.81 -0.38
CA LEU A 155 6.94 6.53 -0.50
C LEU A 155 7.03 7.60 -1.59
N THR A 156 8.16 8.29 -1.70
CA THR A 156 8.32 9.37 -2.66
C THR A 156 8.67 8.84 -4.04
N GLU A 157 9.61 7.89 -4.13
CA GLU A 157 10.08 7.42 -5.42
C GLU A 157 9.07 6.50 -6.12
N GLY A 158 8.25 5.77 -5.35
CA GLY A 158 7.28 4.90 -5.97
C GLY A 158 6.24 5.66 -6.77
N LEU A 159 5.82 6.83 -6.26
CA LEU A 159 4.78 7.63 -6.91
C LEU A 159 5.23 8.14 -8.27
N GLU A 160 6.45 8.67 -8.35
CA GLU A 160 6.92 9.32 -9.58
C GLU A 160 7.40 8.31 -10.62
N LYS A 161 7.81 7.10 -10.20
CA LYS A 161 8.38 6.13 -11.14
C LYS A 161 7.31 5.57 -12.08
N GLY A 162 6.07 5.44 -11.61
CA GLY A 162 4.99 4.94 -12.43
C GLY A 162 4.50 5.94 -13.46
N MET A 163 4.22 7.16 -13.02
CA MET A 163 3.82 8.20 -13.96
C MET A 163 5.05 8.86 -14.60
N LYS A 164 5.95 8.05 -15.18
CA LYS A 164 7.08 8.54 -15.97
C LYS A 164 7.26 7.68 -17.21
N THR A 165 7.47 6.38 -17.01
CA THR A 165 7.31 5.44 -18.12
C THR A 165 5.98 5.65 -18.82
N PHE A 166 4.95 6.02 -18.07
CA PHE A 166 3.65 6.32 -18.67
C PHE A 166 3.71 7.61 -19.48
N GLY A 167 4.06 8.71 -18.83
CA GLY A 167 4.16 9.97 -19.55
C GLY A 167 5.10 9.87 -20.73
N GLU A 168 6.14 9.04 -20.62
CA GLU A 168 7.15 8.93 -21.67
C GLU A 168 6.60 8.17 -22.88
N THR A 169 5.73 7.19 -22.66
CA THR A 169 5.08 6.51 -23.79
C THR A 169 3.90 7.32 -24.36
N LEU A 170 3.25 8.15 -23.53
CA LEU A 170 2.22 9.10 -24.00
C LEU A 170 2.79 10.43 -24.46
N ASN A 171 4.10 10.66 -24.28
CA ASN A 171 4.84 11.81 -24.84
C ASN A 171 4.39 13.14 -24.24
N ILE A 172 4.02 13.10 -22.96
CA ILE A 172 3.58 14.31 -22.28
C ILE A 172 4.79 15.10 -21.81
N ALA A 173 4.57 16.39 -21.60
CA ALA A 173 5.67 17.27 -21.24
C ALA A 173 6.19 16.91 -19.86
N PRO A 174 7.51 16.96 -19.64
CA PRO A 174 8.04 16.57 -18.33
C PRO A 174 7.44 17.37 -17.19
N ILE A 175 7.32 18.69 -17.38
CA ILE A 175 6.59 19.59 -16.48
C ILE A 175 5.27 18.96 -16.07
N ASP A 176 4.53 18.42 -17.04
CA ASP A 176 3.19 17.90 -16.77
C ASP A 176 3.25 16.65 -15.90
N ALA A 177 4.19 15.74 -16.17
CA ALA A 177 4.33 14.55 -15.34
C ALA A 177 4.72 14.92 -13.91
N LYS A 178 5.56 15.96 -13.77
CA LYS A 178 6.03 16.41 -12.46
C LYS A 178 4.86 16.77 -11.55
N MET A 179 4.01 17.70 -12.00
CA MET A 179 2.90 18.16 -11.16
C MET A 179 1.91 17.04 -10.88
N MET A 180 1.77 16.09 -11.81
CA MET A 180 0.82 15.00 -11.65
C MET A 180 1.31 13.99 -10.60
N SER A 181 2.60 13.66 -10.64
CA SER A 181 3.24 12.81 -9.63
C SER A 181 4.11 13.65 -8.69
N GLN A 182 3.52 14.74 -8.20
CA GLN A 182 4.15 15.57 -7.19
C GLN A 182 3.80 15.00 -5.82
N PRO A 183 4.76 14.52 -5.03
CA PRO A 183 4.43 13.95 -3.72
C PRO A 183 3.78 14.98 -2.81
N ALA A 184 2.78 14.55 -2.03
CA ALA A 184 2.11 15.44 -1.10
C ALA A 184 3.08 15.86 0.01
N ASP A 185 2.69 16.90 0.75
CA ASP A 185 3.56 17.53 1.74
C ASP A 185 3.50 16.84 3.10
N THR A 186 3.02 15.60 3.15
CA THR A 186 2.73 14.92 4.40
C THR A 186 2.93 13.42 4.24
N GLU A 187 3.03 12.72 5.37
CA GLU A 187 3.22 11.27 5.34
C GLU A 187 1.93 10.56 4.92
N GLU A 188 0.84 10.79 5.66
CA GLU A 188 -0.45 10.21 5.29
C GLU A 188 -0.91 10.69 3.93
N GLY A 189 -0.61 11.95 3.57
CA GLY A 189 -0.98 12.44 2.25
C GLY A 189 -0.15 11.84 1.13
N ARG A 190 1.09 11.43 1.44
CA ARG A 190 1.90 10.69 0.47
C ARG A 190 1.32 9.30 0.26
N ILE A 191 0.97 8.61 1.34
CA ILE A 191 0.31 7.30 1.22
C ILE A 191 -1.14 7.48 0.76
N GLU A 192 -1.80 8.58 1.13
CA GLU A 192 -3.10 8.96 0.57
C GLU A 192 -3.08 8.96 -0.94
N GLN A 193 -2.29 9.90 -1.47
CA GLN A 193 -2.06 9.98 -2.90
C GLN A 193 -1.64 8.63 -3.45
N TYR A 194 -0.90 7.86 -2.66
CA TYR A 194 -0.38 6.59 -3.15
C TYR A 194 -1.51 5.59 -3.40
N LYS A 195 -2.52 5.53 -2.54
CA LYS A 195 -3.58 4.56 -2.83
C LYS A 195 -4.36 4.99 -4.07
N ARG A 196 -4.75 6.27 -4.16
CA ARG A 196 -5.44 6.77 -5.35
C ARG A 196 -4.73 6.31 -6.60
N THR A 197 -3.41 6.46 -6.62
CA THR A 197 -2.65 6.17 -7.83
C THR A 197 -2.75 4.69 -8.20
N MET A 198 -2.80 3.82 -7.20
CA MET A 198 -2.98 2.39 -7.48
C MET A 198 -4.40 2.10 -7.95
N PHE A 199 -5.41 2.68 -7.29
CA PHE A 199 -6.77 2.50 -7.74
C PHE A 199 -6.92 2.97 -9.17
N TRP A 200 -6.28 4.09 -9.52
CA TRP A 200 -6.35 4.63 -10.87
C TRP A 200 -5.74 3.68 -11.89
N LEU A 201 -4.58 3.13 -11.57
CA LEU A 201 -4.00 2.05 -12.37
C LEU A 201 -4.98 0.90 -12.60
N GLU A 202 -5.46 0.26 -11.52
CA GLU A 202 -6.16 -1.00 -11.76
C GLU A 202 -7.58 -0.79 -12.26
N PHE A 203 -8.27 0.28 -11.84
CA PHE A 203 -9.68 0.43 -12.15
C PHE A 203 -10.02 1.53 -13.14
N GLU A 204 -9.04 2.32 -13.62
CA GLU A 204 -9.40 3.45 -14.49
C GLU A 204 -8.70 3.50 -15.84
N ILE A 205 -7.36 3.46 -15.84
CA ILE A 205 -6.61 3.80 -17.06
C ILE A 205 -6.97 2.86 -18.20
N ARG A 206 -6.89 1.54 -17.98
CA ARG A 206 -7.21 0.61 -19.06
C ARG A 206 -8.70 0.65 -19.43
N GLN A 207 -9.59 0.81 -18.44
CA GLN A 207 -11.03 0.75 -18.70
C GLN A 207 -11.55 1.98 -19.43
N TYR A 208 -10.89 3.12 -19.24
CA TYR A 208 -11.38 4.35 -19.86
C TYR A 208 -10.73 4.60 -21.22
N THR A 209 -9.40 4.49 -21.33
CA THR A 209 -8.74 4.75 -22.60
C THR A 209 -9.17 3.78 -23.70
N HIS A 210 -9.78 2.65 -23.32
CA HIS A 210 -10.39 1.75 -24.28
C HIS A 210 -11.91 1.69 -24.15
N SER A 211 -12.54 2.75 -23.59
CA SER A 211 -14.00 2.90 -23.59
C SER A 211 -14.55 2.65 -24.98
N ASN A 212 -15.82 2.26 -25.06
CA ASN A 212 -16.48 2.08 -26.34
C ASN A 212 -17.04 3.43 -26.78
N ILE A 213 -16.16 4.24 -27.36
CA ILE A 213 -16.49 5.51 -27.99
C ILE A 213 -16.01 5.46 -29.44
N THR A 214 -16.90 5.78 -30.38
CA THR A 214 -16.57 5.82 -31.80
C THR A 214 -16.77 7.22 -32.35
N LEU A 215 -16.35 7.41 -33.61
CA LEU A 215 -16.52 8.69 -34.31
C LEU A 215 -17.98 9.12 -34.39
N ASP A 216 -18.92 8.17 -34.41
CA ASP A 216 -20.32 8.59 -34.40
C ASP A 216 -20.70 9.28 -33.09
N ASP A 217 -19.98 9.04 -32.01
CA ASP A 217 -20.21 9.77 -30.77
C ASP A 217 -19.62 11.16 -30.81
N PHE A 218 -18.91 11.54 -31.87
CA PHE A 218 -18.47 12.92 -32.05
C PHE A 218 -19.25 13.67 -33.11
N THR A 219 -19.66 13.02 -34.20
CA THR A 219 -20.43 13.74 -35.20
C THR A 219 -21.88 13.92 -34.78
N LYS A 220 -22.37 13.11 -33.84
CA LYS A 220 -23.79 13.17 -33.46
C LYS A 220 -24.18 14.57 -33.03
N TYR A 221 -23.61 15.07 -31.92
CA TYR A 221 -23.96 16.46 -31.60
C TYR A 221 -22.74 17.35 -31.77
N SER A 222 -22.00 17.20 -32.89
CA SER A 222 -20.69 17.82 -33.00
C SER A 222 -20.73 19.35 -32.84
N ASP A 223 -21.87 19.99 -33.13
CA ASP A 223 -21.95 21.43 -32.94
C ASP A 223 -21.89 21.88 -31.48
N LYS A 224 -22.06 20.98 -30.51
CA LYS A 224 -22.00 21.35 -29.11
C LYS A 224 -20.60 21.23 -28.51
N ILE A 225 -19.66 20.66 -29.27
CA ILE A 225 -18.39 20.19 -28.76
C ILE A 225 -17.30 21.20 -29.03
N THR A 226 -16.32 21.26 -28.14
CA THR A 226 -15.08 21.92 -28.43
C THR A 226 -13.93 21.02 -27.98
N LEU A 227 -12.90 20.92 -28.80
CA LEU A 227 -11.69 20.16 -28.48
C LEU A 227 -10.62 21.13 -27.99
N LEU A 228 -10.13 20.90 -26.77
CA LEU A 228 -9.16 21.82 -26.16
C LEU A 228 -7.76 21.20 -26.17
N ASN A 229 -6.79 21.91 -26.75
CA ASN A 229 -5.38 21.56 -26.61
C ASN A 229 -4.68 22.66 -25.85
N GLY A 230 -3.88 22.27 -24.85
CA GLY A 230 -3.00 23.23 -24.20
C GLY A 230 -1.82 23.59 -25.09
N THR A 231 -1.36 24.84 -24.95
CA THR A 231 -0.29 25.34 -25.80
C THR A 231 1.11 24.97 -25.31
N ASP A 232 1.26 24.57 -24.06
CA ASP A 232 2.59 24.18 -23.57
C ASP A 232 2.94 22.72 -23.83
N SER A 233 1.96 21.88 -24.17
CA SER A 233 2.16 20.43 -24.26
C SER A 233 2.01 19.90 -25.68
N ARG A 234 2.60 20.58 -26.68
CA ARG A 234 2.54 20.05 -28.04
C ARG A 234 3.32 18.74 -28.15
N GLY A 235 2.82 17.84 -28.99
CA GLY A 235 3.46 16.59 -29.24
C GLY A 235 2.91 15.41 -28.45
N SER A 236 2.14 15.68 -27.40
CA SER A 236 1.69 14.59 -26.54
C SER A 236 0.60 13.75 -27.22
N PHE A 237 0.47 12.50 -26.76
CA PHE A 237 -0.53 11.62 -27.32
C PHE A 237 -1.94 12.18 -27.21
N PRO A 238 -2.38 12.74 -26.07
CA PRO A 238 -3.73 13.33 -26.03
C PRO A 238 -4.01 14.32 -27.14
N GLN A 239 -3.03 15.15 -27.55
CA GLN A 239 -3.32 16.14 -28.58
C GLN A 239 -3.47 15.49 -29.96
N ASP A 240 -2.74 14.41 -30.22
CA ASP A 240 -2.92 13.67 -31.47
C ASP A 240 -4.32 13.08 -31.55
N VAL A 241 -4.90 12.68 -30.41
CA VAL A 241 -6.28 12.23 -30.40
C VAL A 241 -7.20 13.33 -30.89
N ASN A 242 -7.04 14.54 -30.32
CA ASN A 242 -7.86 15.67 -30.74
C ASN A 242 -7.69 15.96 -32.23
N PHE A 243 -6.43 15.93 -32.68
CA PHE A 243 -6.14 16.13 -34.10
C PHE A 243 -6.91 15.14 -34.96
N TYR A 244 -7.02 13.89 -34.51
CA TYR A 244 -7.77 12.89 -35.28
C TYR A 244 -9.26 13.20 -35.27
N ILE A 245 -9.82 13.44 -34.08
CA ILE A 245 -11.24 13.81 -34.00
C ILE A 245 -11.54 15.02 -34.88
N ASN A 246 -10.69 16.04 -34.78
CA ASN A 246 -10.92 17.26 -35.56
C ASN A 246 -10.93 16.96 -37.07
N LYS A 247 -9.95 16.20 -37.55
CA LYS A 247 -9.83 16.02 -39.00
C LYS A 247 -10.87 15.07 -39.55
N GLU A 248 -11.50 14.23 -38.72
CA GLU A 248 -12.53 13.32 -39.20
C GLU A 248 -13.93 13.88 -39.04
N THR A 249 -14.14 14.87 -38.18
CA THR A 249 -15.47 15.34 -37.81
C THR A 249 -15.70 16.81 -38.04
N GLY A 250 -14.64 17.62 -38.07
CA GLY A 250 -14.79 19.04 -38.24
C GLY A 250 -14.99 19.81 -36.95
N ILE A 251 -14.99 19.12 -35.81
CA ILE A 251 -15.07 19.84 -34.53
C ILE A 251 -13.80 20.68 -34.38
N PRO A 252 -13.92 21.98 -34.09
CA PRO A 252 -12.72 22.82 -34.00
C PRO A 252 -11.90 22.49 -32.76
N ILE A 253 -10.60 22.74 -32.88
CA ILE A 253 -9.69 22.70 -31.75
C ILE A 253 -9.45 24.14 -31.31
N VAL A 254 -9.69 24.42 -30.04
CA VAL A 254 -9.34 25.72 -29.47
C VAL A 254 -8.10 25.54 -28.63
N ASP A 255 -7.08 26.34 -28.91
CA ASP A 255 -5.89 26.31 -28.08
C ASP A 255 -6.16 27.11 -26.81
N ILE A 256 -5.68 26.58 -25.68
CA ILE A 256 -5.94 27.18 -24.38
C ILE A 256 -4.62 27.14 -23.62
N PRO A 257 -4.27 28.17 -22.84
CA PRO A 257 -2.94 28.21 -22.21
C PRO A 257 -2.71 27.02 -21.29
N GLY A 258 -1.45 26.90 -20.87
CA GLY A 258 -1.05 25.83 -19.98
C GLY A 258 -0.86 24.51 -20.72
N GLY A 259 -0.52 23.48 -19.95
CA GLY A 259 -0.26 22.18 -20.54
C GLY A 259 -1.40 21.22 -20.27
N HIS A 260 -1.04 19.98 -19.96
CA HIS A 260 -2.07 19.00 -19.69
C HIS A 260 -2.84 19.28 -18.41
N LEU A 261 -2.32 20.16 -17.55
CA LEU A 261 -3.01 20.59 -16.33
C LEU A 261 -3.27 22.09 -16.38
N GLY A 262 -3.53 22.59 -17.59
CA GLY A 262 -3.63 24.03 -17.80
C GLY A 262 -4.67 24.72 -16.94
N TYR A 263 -5.73 23.99 -16.55
CA TYR A 263 -6.77 24.61 -15.74
C TYR A 263 -6.22 25.10 -14.41
N ILE A 264 -5.17 24.46 -13.91
CA ILE A 264 -4.53 24.88 -12.68
C ILE A 264 -3.16 25.52 -12.94
N GLN A 265 -2.53 25.23 -14.08
CA GLN A 265 -1.24 25.87 -14.37
C GLN A 265 -1.42 27.35 -14.71
N LYS A 266 -2.37 27.66 -15.58
CA LYS A 266 -2.60 29.03 -16.06
C LYS A 266 -4.07 29.38 -15.84
N PRO A 267 -4.52 29.47 -14.59
CA PRO A 267 -5.98 29.53 -14.36
C PRO A 267 -6.62 30.76 -14.98
N GLU A 268 -5.92 31.88 -14.97
CA GLU A 268 -6.47 33.11 -15.55
C GLU A 268 -6.61 33.00 -17.06
N GLY A 269 -5.56 32.51 -17.75
CA GLY A 269 -5.66 32.32 -19.19
C GLY A 269 -6.69 31.28 -19.60
N PHE A 270 -6.77 30.16 -18.86
CA PHE A 270 -7.79 29.16 -19.13
C PHE A 270 -9.17 29.79 -19.09
N ALA A 271 -9.43 30.57 -18.04
CA ALA A 271 -10.69 31.30 -17.88
C ALA A 271 -10.99 32.16 -19.10
N ASP A 272 -10.03 33.00 -19.51
CA ASP A 272 -10.29 33.93 -20.62
C ASP A 272 -10.69 33.19 -21.89
N VAL A 273 -10.05 32.05 -22.17
CA VAL A 273 -10.41 31.25 -23.34
C VAL A 273 -11.79 30.66 -23.17
N LEU A 274 -12.08 30.10 -21.98
CA LEU A 274 -13.41 29.56 -21.74
C LEU A 274 -14.46 30.66 -21.84
N LEU A 275 -14.19 31.83 -21.23
CA LEU A 275 -15.16 32.93 -21.26
C LEU A 275 -15.42 33.40 -22.68
N ASN A 276 -14.37 33.54 -23.51
CA ASN A 276 -14.56 33.86 -24.92
C ASN A 276 -15.35 32.76 -25.64
N MET A 277 -15.19 31.51 -25.23
CA MET A 277 -15.86 30.39 -25.87
C MET A 277 -17.36 30.40 -25.62
N TRP A 278 -17.74 30.52 -24.34
CA TRP A 278 -19.09 30.22 -23.87
C TRP A 278 -19.77 31.36 -23.13
N GLY A 279 -19.04 32.41 -22.76
CA GLY A 279 -19.59 33.42 -21.86
C GLY A 279 -20.32 34.55 -22.56
#